data_8E3G
#
_entry.id   8E3G
#
_cell.length_a   98.321
_cell.length_b   98.321
_cell.length_c   174.783
_cell.angle_alpha   90.000
_cell.angle_beta   90.000
_cell.angle_gamma   120.000
#
_symmetry.space_group_name_H-M   'P 32 2 1'
#
loop_
_entity.id
_entity.type
_entity.pdbx_description
1 polymer 'Bone morphogenetic protein 2'
2 polymer 'Growth/differentiation factor 5'
3 non-polymer GLYCEROL
#
loop_
_entity_poly.entity_id
_entity_poly.type
_entity_poly.pdbx_seq_one_letter_code
_entity_poly.pdbx_strand_id
1 'polypeptide(L)'
;QAKHKQRKRLKSSCKRHPLYVDFSDVGWNDWIVAPPGYHAFYCHGECPFPLADHLNSTNHAIVQTLVNSVNSKIPKACCV
PTELSAISMLYLDENEKVVLKNYQDMVVEGCGCR
;
A,C
2 'polypeptide(L)'
;APLATRQGKRPSKNLKARCSRKALHVNFKDMGWDDWIIAPLEYEAFHCEGLCEFPLRSHLEPTNHAVIQTLMNSMDPEST
PPTCCVPTRLSPISILFIDSANNVVYKQYEDMVVESCGCR
;
B,D
#
# COMPACT_ATOMS: atom_id res chain seq x y z
N LYS A 11 -2.48 -11.24 3.50
CA LYS A 11 -1.65 -10.49 2.55
C LYS A 11 -1.63 -11.10 1.13
N SER A 12 -2.08 -10.32 0.12
CA SER A 12 -1.92 -10.66 -1.29
C SER A 12 -0.55 -10.28 -1.82
N SER A 13 0.41 -10.10 -0.91
CA SER A 13 1.76 -9.71 -1.26
C SER A 13 2.52 -10.91 -1.81
N CYS A 14 3.73 -10.63 -2.28
CA CYS A 14 4.59 -11.60 -2.95
C CYS A 14 4.79 -12.89 -2.17
N LYS A 15 4.24 -13.97 -2.71
CA LYS A 15 4.13 -15.27 -2.05
C LYS A 15 4.41 -16.32 -3.09
N ARG A 16 4.74 -17.52 -2.66
CA ARG A 16 4.75 -18.64 -3.57
C ARG A 16 3.36 -19.28 -3.65
N HIS A 17 3.02 -19.78 -4.83
CA HIS A 17 1.72 -20.38 -5.03
C HIS A 17 1.86 -21.77 -5.64
N PRO A 18 0.96 -22.67 -5.29
CA PRO A 18 1.04 -24.05 -5.82
C PRO A 18 0.77 -24.10 -7.32
N LEU A 19 1.54 -24.94 -8.00
CA LEU A 19 1.33 -25.20 -9.44
C LEU A 19 1.87 -26.58 -9.77
N TYR A 20 0.99 -27.50 -10.13
CA TYR A 20 1.42 -28.84 -10.45
C TYR A 20 1.28 -29.05 -11.95
N VAL A 21 2.35 -29.46 -12.56
CA VAL A 21 2.37 -29.73 -13.99
C VAL A 21 2.24 -31.24 -14.15
N ASP A 22 1.10 -31.68 -14.69
CA ASP A 22 0.83 -33.09 -14.95
C ASP A 22 1.34 -33.43 -16.35
N PHE A 23 2.05 -34.54 -16.47
CA PHE A 23 2.61 -34.83 -17.77
C PHE A 23 1.65 -35.55 -18.71
N SER A 24 0.66 -36.28 -18.21
CA SER A 24 -0.47 -36.67 -19.05
C SER A 24 -1.05 -35.46 -19.79
N ASP A 25 -1.42 -34.43 -19.03
CA ASP A 25 -2.18 -33.31 -19.57
C ASP A 25 -1.42 -32.50 -20.62
N VAL A 26 -0.10 -32.64 -20.75
CA VAL A 26 0.65 -31.93 -21.80
C VAL A 26 1.20 -32.86 -22.86
N GLY A 27 1.05 -34.16 -22.71
CA GLY A 27 1.46 -35.09 -23.75
C GLY A 27 2.87 -35.57 -23.67
N TRP A 28 3.45 -35.58 -22.48
CA TRP A 28 4.85 -35.89 -22.32
C TRP A 28 5.10 -37.20 -21.60
N ASN A 29 4.05 -37.94 -21.25
CA ASN A 29 4.23 -39.07 -20.36
C ASN A 29 4.66 -40.32 -21.10
N ASP A 30 4.69 -40.27 -22.43
CA ASP A 30 5.25 -41.34 -23.23
C ASP A 30 6.72 -41.12 -23.51
N TRP A 31 7.31 -40.11 -22.90
CA TRP A 31 8.73 -39.80 -22.96
C TRP A 31 9.34 -39.91 -21.58
N ILE A 32 8.70 -39.24 -20.62
CA ILE A 32 9.08 -39.25 -19.21
C ILE A 32 8.34 -40.41 -18.56
N VAL A 33 9.05 -41.52 -18.35
CA VAL A 33 8.43 -42.66 -17.69
C VAL A 33 8.17 -42.34 -16.23
N ALA A 34 8.92 -41.39 -15.66
CA ALA A 34 8.76 -40.98 -14.27
C ALA A 34 9.54 -39.71 -13.97
N PRO A 35 9.00 -38.82 -13.13
CA PRO A 35 7.69 -38.95 -12.46
C PRO A 35 6.50 -38.64 -13.36
N PRO A 36 5.28 -38.76 -12.83
CA PRO A 36 4.08 -38.40 -13.62
C PRO A 36 3.85 -36.92 -13.69
N GLY A 37 4.48 -36.16 -12.79
CA GLY A 37 4.37 -34.72 -12.75
C GLY A 37 5.28 -34.18 -11.68
N TYR A 38 5.21 -32.87 -11.49
CA TYR A 38 6.01 -32.27 -10.43
C TYR A 38 5.45 -30.92 -10.07
N HIS A 39 5.75 -30.50 -8.84
CA HIS A 39 5.36 -29.19 -8.34
C HIS A 39 6.44 -28.19 -8.72
N ALA A 40 6.09 -27.27 -9.61
CA ALA A 40 6.94 -26.15 -9.98
C ALA A 40 6.66 -24.91 -9.14
N PHE A 41 5.39 -24.67 -8.81
CA PHE A 41 4.98 -23.45 -8.14
C PHE A 41 5.20 -22.24 -9.04
N TYR A 42 4.66 -21.12 -8.61
CA TYR A 42 4.87 -19.87 -9.30
C TYR A 42 4.90 -18.79 -8.24
N CYS A 43 5.33 -17.61 -8.65
CA CYS A 43 5.42 -16.48 -7.76
C CYS A 43 4.46 -15.41 -8.24
N HIS A 44 3.74 -14.84 -7.29
CA HIS A 44 2.76 -13.82 -7.58
C HIS A 44 2.48 -13.01 -6.33
N GLY A 45 2.22 -11.72 -6.50
CA GLY A 45 1.80 -10.91 -5.38
C GLY A 45 2.39 -9.53 -5.42
N GLU A 46 1.92 -8.65 -4.55
CA GLU A 46 2.38 -7.28 -4.59
C GLU A 46 3.69 -7.08 -3.86
N CYS A 47 4.42 -6.08 -4.31
CA CYS A 47 5.76 -5.75 -3.81
C CYS A 47 5.79 -4.33 -3.25
N PRO A 48 4.99 -4.04 -2.22
CA PRO A 48 4.87 -2.64 -1.78
C PRO A 48 6.06 -2.18 -0.96
N PHE A 49 6.69 -3.14 -0.25
CA PHE A 49 7.81 -2.88 0.67
C PHE A 49 8.88 -3.93 0.50
N PRO A 50 9.66 -3.85 -0.58
CA PRO A 50 10.65 -4.89 -0.88
C PRO A 50 11.82 -4.96 0.07
N LEU A 51 11.92 -4.03 1.02
CA LEU A 51 12.96 -4.07 2.04
C LEU A 51 12.59 -4.99 3.19
N ALA A 52 11.38 -5.55 3.16
CA ALA A 52 11.01 -6.62 4.06
C ALA A 52 12.07 -7.72 4.00
N ASP A 53 12.63 -8.09 5.15
CA ASP A 53 13.75 -9.04 5.14
C ASP A 53 13.36 -10.32 4.39
N HIS A 54 12.08 -10.73 4.46
CA HIS A 54 11.66 -11.98 3.86
C HIS A 54 11.56 -11.92 2.35
N LEU A 55 11.27 -10.74 1.80
CA LEU A 55 11.37 -10.54 0.37
C LEU A 55 12.84 -10.29 0.11
N ASN A 56 13.52 -11.26 -0.42
CA ASN A 56 14.85 -10.97 -0.90
C ASN A 56 14.68 -9.93 -2.00
N SER A 57 15.41 -8.82 -1.94
CA SER A 57 15.21 -7.79 -2.96
C SER A 57 16.53 -7.21 -3.45
N THR A 58 16.44 -6.52 -4.58
CA THR A 58 17.56 -5.86 -5.19
C THR A 58 17.49 -4.38 -4.84
N ASN A 59 18.68 -3.75 -4.77
CA ASN A 59 18.72 -2.31 -4.67
C ASN A 59 17.81 -1.68 -5.70
N HIS A 60 17.77 -2.26 -6.90
CA HIS A 60 16.95 -1.68 -7.95
C HIS A 60 15.47 -1.76 -7.62
N ALA A 61 15.03 -2.90 -7.08
CA ALA A 61 13.60 -3.05 -6.80
C ALA A 61 13.15 -2.05 -5.75
N ILE A 62 14.02 -1.76 -4.78
CA ILE A 62 13.66 -0.87 -3.69
C ILE A 62 13.49 0.55 -4.21
N VAL A 63 14.48 1.01 -5.00
CA VAL A 63 14.43 2.34 -5.59
C VAL A 63 13.19 2.47 -6.46
N GLN A 64 12.96 1.49 -7.32
CA GLN A 64 11.85 1.60 -8.25
C GLN A 64 10.54 1.63 -7.51
N THR A 65 10.38 0.76 -6.53
CA THR A 65 9.18 0.80 -5.71
C THR A 65 9.01 2.15 -5.06
N LEU A 66 10.11 2.82 -4.71
CA LEU A 66 10.01 4.15 -4.11
C LEU A 66 9.51 5.14 -5.14
N VAL A 67 10.09 5.11 -6.34
CA VAL A 67 9.63 5.97 -7.41
C VAL A 67 8.14 5.76 -7.67
N ASN A 68 7.67 4.52 -7.53
CA ASN A 68 6.26 4.24 -7.80
C ASN A 68 5.31 5.00 -6.87
N SER A 69 5.70 5.17 -5.60
CA SER A 69 4.78 5.78 -4.66
C SER A 69 4.53 7.24 -4.99
N VAL A 70 5.56 7.92 -5.51
CA VAL A 70 5.41 9.29 -5.95
C VAL A 70 4.88 9.36 -7.40
N ASN A 71 5.13 8.34 -8.24
CA ASN A 71 4.80 8.40 -9.67
C ASN A 71 4.19 7.07 -10.10
N SER A 72 2.85 7.05 -10.19
CA SER A 72 2.12 5.83 -10.46
C SER A 72 2.42 5.26 -11.83
N LYS A 73 2.96 6.07 -12.75
CA LYS A 73 3.22 5.59 -14.11
C LYS A 73 4.45 4.68 -14.18
N ILE A 74 5.25 4.69 -13.13
CA ILE A 74 6.36 3.72 -12.99
C ILE A 74 5.81 2.53 -12.21
N PRO A 75 5.82 1.34 -12.79
CA PRO A 75 5.30 0.18 -12.06
C PRO A 75 6.17 -0.19 -10.87
N LYS A 76 5.57 -0.90 -9.94
CA LYS A 76 6.28 -1.40 -8.80
C LYS A 76 7.12 -2.61 -9.21
N ALA A 77 7.93 -3.08 -8.29
CA ALA A 77 8.75 -4.24 -8.59
C ALA A 77 7.85 -5.46 -8.71
N CYS A 78 8.28 -6.43 -9.52
CA CYS A 78 7.52 -7.62 -9.83
C CYS A 78 7.95 -8.78 -8.92
N CYS A 79 7.00 -9.62 -8.56
CA CYS A 79 7.27 -10.78 -7.72
C CYS A 79 7.67 -11.96 -8.61
N VAL A 80 8.89 -12.46 -8.40
CA VAL A 80 9.45 -13.51 -9.25
C VAL A 80 10.25 -14.51 -8.42
N PRO A 81 10.57 -15.68 -8.97
CA PRO A 81 11.40 -16.63 -8.24
C PRO A 81 12.79 -16.06 -8.05
N THR A 82 13.39 -16.37 -6.91
CA THR A 82 14.73 -15.92 -6.58
C THR A 82 15.61 -17.08 -6.13
N GLU A 83 15.07 -18.28 -6.06
CA GLU A 83 15.86 -19.47 -5.82
C GLU A 83 15.11 -20.59 -6.52
N LEU A 84 15.76 -21.29 -7.43
CA LEU A 84 15.17 -22.41 -8.13
C LEU A 84 16.03 -23.64 -7.91
N SER A 85 15.38 -24.78 -7.74
CA SER A 85 16.06 -26.04 -7.57
C SER A 85 15.80 -26.95 -8.76
N ALA A 86 16.66 -27.96 -8.92
CA ALA A 86 16.51 -28.90 -10.01
C ALA A 86 15.51 -30.00 -9.65
N ILE A 87 15.17 -30.78 -10.67
CA ILE A 87 14.37 -31.98 -10.52
C ILE A 87 14.86 -33.02 -11.53
N SER A 88 14.74 -34.28 -11.16
CA SER A 88 15.21 -35.40 -11.97
C SER A 88 14.01 -36.10 -12.59
N MET A 89 14.20 -36.57 -13.80
CA MET A 89 13.26 -37.45 -14.46
C MET A 89 13.97 -38.74 -14.88
N LEU A 90 13.16 -39.77 -15.18
CA LEU A 90 13.61 -41.00 -15.80
C LEU A 90 13.08 -41.15 -17.22
N TYR A 91 13.98 -41.53 -18.14
CA TYR A 91 13.59 -41.78 -19.52
C TYR A 91 14.28 -43.02 -20.04
N LEU A 92 13.93 -43.43 -21.25
CA LEU A 92 14.57 -44.55 -21.94
C LEU A 92 15.69 -44.08 -22.88
N ASP A 93 16.87 -44.65 -22.66
CA ASP A 93 18.06 -44.72 -23.49
C ASP A 93 17.80 -45.06 -24.94
N GLU A 94 18.82 -44.81 -25.77
CA GLU A 94 18.83 -45.39 -27.11
C GLU A 94 18.86 -46.91 -27.10
N ASN A 95 19.30 -47.54 -26.00
CA ASN A 95 19.25 -48.99 -25.91
C ASN A 95 18.12 -49.48 -25.02
N GLU A 96 17.16 -48.60 -24.73
CA GLU A 96 16.02 -48.94 -23.88
C GLU A 96 16.49 -49.33 -22.48
N LYS A 97 17.46 -48.56 -21.99
CA LYS A 97 17.95 -48.61 -20.63
C LYS A 97 17.34 -47.44 -19.86
N VAL A 98 16.90 -47.69 -18.63
CA VAL A 98 16.38 -46.62 -17.81
C VAL A 98 17.51 -45.66 -17.44
N VAL A 99 17.28 -44.38 -17.63
CA VAL A 99 18.32 -43.38 -17.40
C VAL A 99 17.73 -42.19 -16.66
N LEU A 100 18.50 -41.62 -15.76
CA LEU A 100 18.10 -40.40 -15.08
C LEU A 100 18.77 -39.19 -15.70
N LYS A 101 18.10 -38.04 -15.63
CA LYS A 101 18.57 -36.81 -16.20
C LYS A 101 18.07 -35.68 -15.31
N ASN A 102 18.97 -34.80 -14.90
CA ASN A 102 18.59 -33.68 -14.04
C ASN A 102 18.33 -32.46 -14.91
N TYR A 103 17.36 -31.66 -14.48
CA TYR A 103 16.92 -30.46 -15.18
C TYR A 103 17.03 -29.33 -14.18
N GLN A 104 17.81 -28.31 -14.50
CA GLN A 104 18.04 -27.24 -13.54
C GLN A 104 16.93 -26.18 -13.57
N ASP A 105 16.84 -25.42 -12.48
CA ASP A 105 15.99 -24.22 -12.39
C ASP A 105 14.53 -24.50 -12.65
N MET A 106 13.97 -25.47 -11.95
CA MET A 106 12.63 -25.95 -12.27
C MET A 106 11.60 -25.74 -11.20
N VAL A 107 11.99 -25.73 -9.94
CA VAL A 107 11.09 -25.60 -8.80
C VAL A 107 11.43 -24.33 -8.05
N VAL A 108 10.41 -23.49 -7.84
CA VAL A 108 10.55 -22.30 -7.00
C VAL A 108 10.80 -22.72 -5.57
N GLU A 109 11.90 -22.26 -4.99
CA GLU A 109 12.17 -22.40 -3.57
C GLU A 109 11.88 -21.13 -2.79
N GLY A 110 12.20 -19.97 -3.35
CA GLY A 110 11.87 -18.71 -2.74
C GLY A 110 11.51 -17.65 -3.76
N CYS A 111 10.63 -16.75 -3.34
CA CYS A 111 10.20 -15.61 -4.14
C CYS A 111 10.85 -14.32 -3.61
N GLY A 112 10.68 -13.27 -4.39
CA GLY A 112 11.26 -11.98 -4.07
C GLY A 112 10.83 -10.95 -5.09
N CYS A 113 11.31 -9.73 -4.90
CA CYS A 113 10.95 -8.58 -5.72
C CYS A 113 12.13 -8.17 -6.59
N ARG A 114 11.88 -7.91 -7.88
CA ARG A 114 12.98 -7.59 -8.79
C ARG A 114 12.61 -6.47 -9.78
N LYS B 16 6.44 -2.88 -29.84
CA LYS B 16 5.81 -4.08 -29.29
C LYS B 16 5.65 -3.93 -27.77
N ALA B 17 4.50 -4.37 -27.26
CA ALA B 17 4.24 -4.45 -25.83
C ALA B 17 5.02 -5.61 -25.17
N ARG B 18 5.98 -6.16 -25.92
CA ARG B 18 6.83 -7.22 -25.40
C ARG B 18 7.85 -6.65 -24.43
N CYS B 19 8.12 -7.43 -23.38
CA CYS B 19 9.18 -7.20 -22.41
C CYS B 19 10.39 -6.45 -22.97
N SER B 20 10.55 -5.20 -22.56
CA SER B 20 11.64 -4.36 -23.05
C SER B 20 12.12 -3.48 -21.91
N ARG B 21 13.21 -2.77 -22.17
CA ARG B 21 13.78 -1.87 -21.20
C ARG B 21 13.34 -0.43 -21.49
N LYS B 22 13.04 0.30 -20.42
CA LYS B 22 12.45 1.61 -20.53
C LYS B 22 13.24 2.60 -19.67
N ALA B 23 13.16 3.88 -20.03
CA ALA B 23 13.82 4.89 -19.23
C ALA B 23 13.20 5.03 -17.86
N LEU B 24 14.04 5.37 -16.90
CA LEU B 24 13.58 5.70 -15.56
C LEU B 24 14.61 6.62 -14.89
N HIS B 25 14.23 7.88 -14.71
CA HIS B 25 15.06 8.87 -14.05
C HIS B 25 14.81 8.83 -12.56
N VAL B 26 15.85 8.57 -11.79
CA VAL B 26 15.75 8.54 -10.35
C VAL B 26 16.29 9.86 -9.82
N ASN B 27 15.47 10.56 -9.06
CA ASN B 27 15.82 11.84 -8.48
C ASN B 27 15.88 11.69 -6.95
N PHE B 28 17.08 11.70 -6.39
CA PHE B 28 17.19 11.56 -4.94
C PHE B 28 16.65 12.78 -4.18
N LYS B 29 16.68 13.97 -4.77
CA LYS B 29 16.09 15.13 -4.09
C LYS B 29 14.59 14.94 -3.85
N ASP B 30 13.90 14.24 -4.74
CA ASP B 30 12.48 14.05 -4.61
C ASP B 30 12.13 13.03 -3.53
N MET B 31 13.07 12.16 -3.17
CA MET B 31 12.88 11.22 -2.07
C MET B 31 13.35 11.76 -0.73
N GLY B 32 14.05 12.89 -0.71
CA GLY B 32 14.58 13.45 0.50
C GLY B 32 16.01 13.05 0.83
N TRP B 33 16.65 12.24 -0.01
CA TRP B 33 18.03 11.82 0.27
C TRP B 33 19.10 12.87 -0.10
N ASP B 34 18.74 14.12 -0.43
CA ASP B 34 19.76 15.17 -0.46
C ASP B 34 20.59 15.14 0.80
N ASP B 35 19.96 14.73 1.90
CA ASP B 35 20.55 14.87 3.22
C ASP B 35 21.82 14.05 3.35
N TRP B 36 21.76 12.72 3.08
CA TRP B 36 23.01 11.99 3.12
C TRP B 36 23.78 12.12 1.80
N ILE B 37 23.09 12.12 0.65
CA ILE B 37 23.79 11.98 -0.62
C ILE B 37 24.28 13.33 -1.10
N ILE B 38 25.52 13.34 -1.58
CA ILE B 38 26.19 14.49 -2.13
C ILE B 38 26.17 14.44 -3.65
N ALA B 39 26.52 13.30 -4.23
CA ALA B 39 26.55 13.13 -5.67
C ALA B 39 26.64 11.65 -6.06
N PRO B 40 25.97 11.25 -7.15
CA PRO B 40 25.14 12.09 -8.00
C PRO B 40 23.82 12.26 -7.32
N LEU B 41 23.07 13.34 -7.54
CA LEU B 41 21.74 13.42 -6.96
C LEU B 41 20.65 12.91 -7.87
N GLU B 42 20.98 12.50 -9.10
CA GLU B 42 20.05 11.98 -10.08
C GLU B 42 20.82 10.99 -10.94
N TYR B 43 20.17 9.89 -11.32
CA TYR B 43 20.79 8.97 -12.28
C TYR B 43 19.72 8.20 -13.04
N GLU B 44 20.16 7.60 -14.16
CA GLU B 44 19.30 6.76 -15.01
C GLU B 44 19.37 5.32 -14.55
N ALA B 45 18.23 4.79 -14.15
CA ALA B 45 18.14 3.46 -13.57
C ALA B 45 17.47 2.46 -14.50
N PHE B 46 16.61 2.95 -15.40
CA PHE B 46 15.80 2.12 -16.29
C PHE B 46 14.84 1.22 -15.52
N HIS B 47 13.89 0.62 -16.20
CA HIS B 47 13.07 -0.43 -15.62
C HIS B 47 12.59 -1.36 -16.72
N CYS B 48 11.96 -2.46 -16.34
CA CYS B 48 11.51 -3.50 -17.26
C CYS B 48 9.98 -3.61 -17.25
N GLU B 49 9.38 -3.48 -18.42
CA GLU B 49 7.93 -3.58 -18.53
C GLU B 49 7.59 -4.26 -19.84
N GLY B 50 6.63 -5.17 -19.82
CA GLY B 50 6.15 -5.75 -21.07
C GLY B 50 5.64 -7.16 -20.88
N LEU B 51 5.07 -7.68 -21.96
CA LEU B 51 4.41 -8.97 -21.94
C LEU B 51 5.41 -10.13 -22.04
N CYS B 52 5.23 -11.10 -21.19
CA CYS B 52 5.97 -12.35 -21.27
C CYS B 52 5.02 -13.40 -21.83
N GLU B 53 5.22 -13.72 -23.10
CA GLU B 53 4.41 -14.75 -23.73
C GLU B 53 5.17 -15.31 -24.93
N PHE B 54 4.73 -16.47 -25.37
CA PHE B 54 5.35 -17.06 -26.55
C PHE B 54 5.13 -16.11 -27.73
N PRO B 55 6.15 -15.90 -28.57
CA PRO B 55 7.46 -16.53 -28.52
C PRO B 55 8.43 -15.82 -27.60
N LEU B 56 9.27 -16.62 -26.96
CA LEU B 56 10.24 -16.14 -25.99
C LEU B 56 11.60 -16.05 -26.68
N ARG B 57 12.10 -14.85 -26.85
CA ARG B 57 13.42 -14.66 -27.43
C ARG B 57 14.50 -15.28 -26.56
N SER B 58 15.33 -16.17 -27.16
CA SER B 58 16.32 -16.95 -26.41
C SER B 58 17.47 -16.09 -25.88
N HIS B 59 17.72 -14.93 -26.49
CA HIS B 59 18.77 -14.07 -25.97
C HIS B 59 18.35 -13.32 -24.71
N LEU B 60 17.06 -13.38 -24.32
CA LEU B 60 16.59 -13.00 -22.99
C LEU B 60 16.68 -14.13 -21.98
N GLU B 61 17.60 -15.06 -22.18
CA GLU B 61 17.88 -16.24 -21.39
C GLU B 61 16.80 -16.58 -20.35
N PRO B 62 15.62 -17.03 -20.78
CA PRO B 62 14.58 -17.40 -19.81
C PRO B 62 14.92 -18.69 -19.10
N THR B 63 14.61 -18.72 -17.82
CA THR B 63 14.86 -19.91 -17.03
C THR B 63 13.90 -21.01 -17.43
N ASN B 64 14.33 -22.25 -17.23
CA ASN B 64 13.45 -23.37 -17.53
C ASN B 64 12.14 -23.22 -16.81
N HIS B 65 12.16 -22.81 -15.54
CA HIS B 65 10.91 -22.57 -14.86
C HIS B 65 10.05 -21.55 -15.61
N ALA B 66 10.67 -20.47 -16.11
CA ALA B 66 9.84 -19.45 -16.78
C ALA B 66 9.19 -20.00 -18.04
N VAL B 67 9.89 -20.85 -18.77
CA VAL B 67 9.31 -21.52 -19.92
C VAL B 67 8.08 -22.31 -19.51
N ILE B 68 8.22 -23.12 -18.47
CA ILE B 68 7.09 -23.95 -18.03
C ILE B 68 5.92 -23.09 -17.61
N GLN B 69 6.18 -22.00 -16.88
CA GLN B 69 5.07 -21.17 -16.44
C GLN B 69 4.38 -20.55 -17.65
N THR B 70 5.16 -20.18 -18.66
CA THR B 70 4.56 -19.62 -19.87
C THR B 70 3.68 -20.64 -20.58
N LEU B 71 4.16 -21.88 -20.69
CA LEU B 71 3.37 -22.99 -21.19
C LEU B 71 2.06 -23.17 -20.43
N MET B 72 2.15 -23.25 -19.11
CA MET B 72 0.96 -23.50 -18.31
C MET B 72 -0.02 -22.33 -18.41
N ASN B 73 0.49 -21.12 -18.47
CA ASN B 73 -0.39 -19.99 -18.69
C ASN B 73 -0.98 -20.01 -20.09
N SER B 74 -0.25 -20.54 -21.07
CA SER B 74 -0.78 -20.69 -22.41
C SER B 74 -1.90 -21.70 -22.44
N MET B 75 -1.83 -22.74 -21.61
CA MET B 75 -2.86 -23.77 -21.61
C MET B 75 -4.08 -23.36 -20.78
N ASP B 76 -3.87 -22.76 -19.62
CA ASP B 76 -4.97 -22.37 -18.73
C ASP B 76 -4.63 -21.10 -18.00
N PRO B 77 -4.99 -19.94 -18.57
CA PRO B 77 -4.61 -18.64 -17.97
C PRO B 77 -5.32 -18.32 -16.67
N GLU B 78 -6.42 -18.98 -16.35
CA GLU B 78 -6.95 -18.99 -15.01
C GLU B 78 -6.06 -19.87 -14.13
N SER B 79 -5.99 -19.53 -12.85
CA SER B 79 -5.29 -20.38 -11.89
C SER B 79 -3.76 -20.32 -12.02
N THR B 80 -3.22 -20.08 -13.23
CA THR B 80 -1.79 -19.82 -13.42
C THR B 80 -1.46 -18.59 -14.25
N PRO B 81 -0.74 -17.62 -13.71
CA PRO B 81 -0.49 -16.37 -14.45
C PRO B 81 0.85 -16.38 -15.18
N PRO B 82 1.07 -15.43 -16.07
CA PRO B 82 2.32 -15.40 -16.85
C PRO B 82 3.50 -14.85 -16.06
N THR B 83 4.68 -15.00 -16.62
CA THR B 83 5.87 -14.54 -15.93
C THR B 83 6.00 -13.03 -16.03
N CYS B 84 6.90 -12.48 -15.21
CA CYS B 84 7.09 -11.04 -15.11
C CYS B 84 8.34 -10.60 -15.85
N CYS B 85 8.22 -9.47 -16.54
CA CYS B 85 9.35 -8.76 -17.12
C CYS B 85 10.13 -8.05 -16.03
N VAL B 86 11.36 -8.51 -15.78
CA VAL B 86 12.21 -8.00 -14.70
C VAL B 86 13.67 -8.00 -15.14
N PRO B 87 14.55 -7.33 -14.38
CA PRO B 87 15.95 -7.19 -14.80
C PRO B 87 16.69 -8.49 -14.63
N THR B 88 17.55 -8.78 -15.58
CA THR B 88 18.33 -10.01 -15.54
C THR B 88 19.82 -9.76 -15.47
N ARG B 89 20.32 -8.62 -15.93
CA ARG B 89 21.65 -8.18 -15.55
C ARG B 89 21.57 -6.74 -15.06
N LEU B 90 22.21 -6.48 -13.93
CA LEU B 90 22.35 -5.12 -13.41
C LEU B 90 23.82 -4.74 -13.25
N SER B 91 24.06 -3.43 -13.28
CA SER B 91 25.34 -2.80 -13.06
C SER B 91 25.28 -1.82 -11.88
N PRO B 92 26.43 -1.41 -11.35
CA PRO B 92 26.42 -0.51 -10.19
C PRO B 92 26.65 0.95 -10.48
N ILE B 93 26.35 1.80 -9.52
CA ILE B 93 26.88 3.15 -9.48
C ILE B 93 27.60 3.34 -8.15
N SER B 94 28.47 4.34 -8.11
CA SER B 94 29.12 4.78 -6.87
C SER B 94 28.51 6.07 -6.38
N ILE B 95 28.27 6.15 -5.09
CA ILE B 95 27.64 7.31 -4.48
C ILE B 95 28.60 7.95 -3.48
N LEU B 96 28.68 9.25 -3.54
CA LEU B 96 29.43 10.05 -2.59
C LEU B 96 28.42 10.61 -1.61
N PHE B 97 28.57 10.31 -0.32
CA PHE B 97 27.57 10.68 0.66
C PHE B 97 28.19 10.77 2.05
N ILE B 98 27.37 11.17 3.02
CA ILE B 98 27.81 11.35 4.40
C ILE B 98 27.24 10.24 5.29
N ASP B 99 28.15 9.43 5.83
CA ASP B 99 27.98 8.44 6.89
C ASP B 99 27.04 8.73 8.04
N SER B 100 26.44 7.64 8.57
CA SER B 100 25.81 7.69 9.90
C SER B 100 26.75 8.32 10.94
N ALA B 101 28.06 8.05 10.85
CA ALA B 101 29.08 8.69 11.69
C ALA B 101 29.49 10.11 11.26
N ASN B 102 28.90 10.67 10.20
CA ASN B 102 29.20 12.03 9.74
C ASN B 102 30.55 12.15 9.02
N ASN B 103 31.10 11.07 8.49
CA ASN B 103 32.19 11.11 7.53
C ASN B 103 31.67 11.26 6.09
N VAL B 104 32.57 11.61 5.17
CA VAL B 104 32.31 11.59 3.72
C VAL B 104 32.86 10.30 3.16
N VAL B 105 32.05 9.55 2.41
CA VAL B 105 32.47 8.29 1.80
C VAL B 105 32.01 8.17 0.36
N TYR B 106 32.62 7.21 -0.34
CA TYR B 106 32.37 6.92 -1.76
C TYR B 106 32.20 5.41 -1.82
N LYS B 107 30.97 4.94 -1.95
CA LYS B 107 30.72 3.51 -1.93
C LYS B 107 30.03 3.09 -3.22
N GLN B 108 30.37 1.88 -3.66
CA GLN B 108 29.75 1.29 -4.84
C GLN B 108 28.51 0.51 -4.41
N TYR B 109 27.39 0.81 -5.05
CA TYR B 109 26.12 0.13 -4.74
C TYR B 109 25.78 -0.80 -5.90
N GLU B 110 25.58 -2.07 -5.59
CA GLU B 110 25.31 -3.09 -6.60
C GLU B 110 23.85 -3.02 -7.07
N ASP B 111 23.61 -3.46 -8.30
CA ASP B 111 22.26 -3.66 -8.82
C ASP B 111 21.46 -2.35 -8.85
N MET B 112 22.05 -1.32 -9.42
CA MET B 112 21.37 -0.03 -9.46
C MET B 112 20.83 0.33 -10.83
N VAL B 113 21.45 -0.16 -11.89
CA VAL B 113 21.09 0.15 -13.27
C VAL B 113 20.73 -1.13 -14.00
N VAL B 114 19.61 -1.11 -14.72
CA VAL B 114 19.20 -2.28 -15.50
C VAL B 114 20.02 -2.30 -16.77
N GLU B 115 20.69 -3.41 -17.04
CA GLU B 115 21.38 -3.60 -18.32
C GLU B 115 20.59 -4.45 -19.31
N SER B 116 19.90 -5.48 -18.85
CA SER B 116 19.03 -6.26 -19.72
C SER B 116 17.82 -6.77 -18.94
N CYS B 117 16.74 -7.03 -19.67
CA CYS B 117 15.50 -7.57 -19.14
C CYS B 117 15.30 -9.03 -19.56
N GLY B 118 14.32 -9.66 -18.93
CA GLY B 118 14.03 -11.04 -19.24
C GLY B 118 12.77 -11.47 -18.52
N CYS B 119 12.37 -12.71 -18.75
CA CYS B 119 11.14 -13.24 -18.15
C CYS B 119 11.52 -14.22 -17.05
N ARG B 120 10.88 -14.06 -15.89
CA ARG B 120 11.17 -14.91 -14.73
C ARG B 120 9.91 -15.30 -13.95
N LYS C 11 -7.49 16.94 -5.72
CA LYS C 11 -7.25 16.08 -6.88
C LYS C 11 -7.87 14.71 -6.63
N SER C 12 -9.15 14.70 -6.24
CA SER C 12 -9.83 13.50 -5.73
C SER C 12 -9.26 13.07 -4.40
N SER C 13 -8.39 13.88 -3.80
CA SER C 13 -7.83 13.61 -2.49
C SER C 13 -8.61 14.38 -1.42
N CYS C 14 -8.24 14.11 -0.17
CA CYS C 14 -8.92 14.71 0.99
C CYS C 14 -8.87 16.23 0.94
N LYS C 15 -10.06 16.82 0.86
CA LYS C 15 -10.27 18.26 0.67
C LYS C 15 -11.68 18.52 1.16
N ARG C 16 -12.03 19.79 1.34
CA ARG C 16 -13.40 20.06 1.77
C ARG C 16 -14.30 20.49 0.60
N HIS C 17 -15.56 20.17 0.75
CA HIS C 17 -16.54 20.33 -0.29
C HIS C 17 -17.66 21.23 0.16
N PRO C 18 -18.38 21.84 -0.76
CA PRO C 18 -19.50 22.67 -0.36
C PRO C 18 -20.68 21.85 0.16
N LEU C 19 -21.33 22.39 1.18
CA LEU C 19 -22.60 21.86 1.65
C LEU C 19 -23.32 22.97 2.40
N TYR C 20 -24.42 23.45 1.85
CA TYR C 20 -25.23 24.49 2.46
C TYR C 20 -26.48 23.89 3.10
N VAL C 21 -26.72 24.30 4.32
CA VAL C 21 -27.88 23.84 5.07
C VAL C 21 -28.93 24.94 4.97
N ASP C 22 -30.06 24.62 4.34
CA ASP C 22 -31.15 25.56 4.11
C ASP C 22 -32.20 25.36 5.18
N PHE C 23 -32.38 26.32 6.06
CA PHE C 23 -33.31 26.09 7.15
C PHE C 23 -34.75 25.91 6.67
N SER C 24 -35.11 26.41 5.49
CA SER C 24 -36.45 26.14 4.94
C SER C 24 -36.63 24.68 4.54
N ASP C 25 -35.61 24.07 3.93
CA ASP C 25 -35.74 22.73 3.37
C ASP C 25 -35.79 21.66 4.46
N VAL C 26 -35.38 22.01 5.67
CA VAL C 26 -35.76 21.30 6.88
C VAL C 26 -36.80 22.21 7.53
N GLY C 27 -37.28 21.92 8.71
CA GLY C 27 -38.39 22.76 9.15
C GLY C 27 -38.09 23.88 10.11
N TRP C 28 -36.93 24.51 9.96
CA TRP C 28 -36.36 25.24 11.09
C TRP C 28 -36.47 26.76 11.00
N ASN C 29 -37.07 27.28 9.95
CA ASN C 29 -37.05 28.71 9.73
C ASN C 29 -38.19 29.44 10.41
N ASP C 30 -39.13 28.74 11.03
CA ASP C 30 -40.07 29.37 11.93
C ASP C 30 -39.55 29.44 13.35
N TRP C 31 -38.37 28.90 13.61
CA TRP C 31 -37.69 28.93 14.90
C TRP C 31 -36.50 29.86 14.85
N ILE C 32 -35.67 29.67 13.83
CA ILE C 32 -34.47 30.46 13.62
C ILE C 32 -34.85 31.68 12.81
N VAL C 33 -34.83 32.84 13.47
CA VAL C 33 -35.03 34.10 12.78
C VAL C 33 -33.97 34.36 11.74
N ALA C 34 -32.76 33.91 11.98
CA ALA C 34 -31.65 34.32 11.12
C ALA C 34 -30.38 33.61 11.56
N PRO C 35 -29.47 33.26 10.63
CA PRO C 35 -29.59 33.37 9.19
C PRO C 35 -30.59 32.37 8.60
N PRO C 36 -30.79 32.41 7.29
CA PRO C 36 -31.69 31.43 6.66
C PRO C 36 -31.03 30.08 6.44
N GLY C 37 -29.73 29.97 6.66
CA GLY C 37 -28.99 28.76 6.35
C GLY C 37 -27.55 29.02 6.67
N TYR C 38 -26.72 28.01 6.40
CA TYR C 38 -25.30 28.26 6.65
C TYR C 38 -24.51 27.21 5.92
N HIS C 39 -23.29 27.60 5.55
CA HIS C 39 -22.35 26.66 4.95
C HIS C 39 -21.68 25.87 6.02
N ALA C 40 -21.96 24.58 6.03
CA ALA C 40 -21.35 23.63 6.96
C ALA C 40 -20.17 22.91 6.31
N PHE C 41 -20.26 22.63 5.01
CA PHE C 41 -19.26 21.88 4.28
C PHE C 41 -19.17 20.42 4.71
N TYR C 42 -18.45 19.60 3.95
CA TYR C 42 -18.11 18.25 4.37
C TYR C 42 -16.70 17.94 3.89
N CYS C 43 -16.13 16.86 4.42
CA CYS C 43 -14.80 16.39 4.04
C CYS C 43 -14.89 15.05 3.31
N HIS C 44 -14.19 14.96 2.20
CA HIS C 44 -14.24 13.75 1.39
C HIS C 44 -12.99 13.66 0.54
N GLY C 45 -12.54 12.43 0.30
CA GLY C 45 -11.39 12.20 -0.56
C GLY C 45 -10.48 11.09 -0.09
N GLU C 46 -9.52 10.67 -0.93
CA GLU C 46 -8.64 9.58 -0.56
C GLU C 46 -7.53 10.09 0.33
N CYS C 47 -7.10 9.22 1.24
CA CYS C 47 -6.02 9.51 2.17
C CYS C 47 -4.89 8.62 1.72
N PRO C 48 -4.04 9.07 0.80
CA PRO C 48 -3.28 8.14 -0.03
C PRO C 48 -1.91 7.78 0.54
N PHE C 49 -1.38 6.68 -0.04
CA PHE C 49 -0.13 6.02 0.30
C PHE C 49 0.95 7.03 0.62
N PRO C 50 1.42 7.76 -0.38
CA PRO C 50 2.65 8.54 -0.19
C PRO C 50 2.46 9.71 0.75
N LEU C 51 1.28 10.32 0.77
CA LEU C 51 1.13 11.64 1.36
C LEU C 51 0.59 11.57 2.78
N ALA C 52 1.32 12.21 3.69
CA ALA C 52 0.90 12.44 5.07
C ALA C 52 1.33 13.83 5.55
N ASP C 53 1.84 14.69 4.64
CA ASP C 53 2.39 16.01 4.98
C ASP C 53 1.35 17.10 4.81
N HIS C 54 1.12 17.55 3.56
CA HIS C 54 0.07 18.55 3.34
C HIS C 54 -1.20 18.16 4.12
N LEU C 55 -1.63 16.89 4.02
CA LEU C 55 -2.74 16.39 4.83
C LEU C 55 -2.25 16.19 6.26
N ASN C 56 -2.83 16.93 7.20
CA ASN C 56 -2.63 16.66 8.61
C ASN C 56 -3.04 15.22 8.91
N SER C 57 -2.14 14.45 9.51
CA SER C 57 -2.40 13.04 9.79
C SER C 57 -1.99 12.69 11.19
N THR C 58 -2.69 11.72 11.77
CA THR C 58 -2.22 11.14 13.02
C THR C 58 -1.23 10.03 12.74
N ASN C 59 -0.42 9.72 13.76
CA ASN C 59 0.45 8.56 13.64
C ASN C 59 -0.35 7.33 13.27
N HIS C 60 -1.51 7.12 13.90
CA HIS C 60 -2.31 5.93 13.59
C HIS C 60 -2.75 5.91 12.13
N ALA C 61 -3.09 7.05 11.56
CA ALA C 61 -3.62 7.01 10.19
C ALA C 61 -2.52 6.72 9.19
N ILE C 62 -1.33 7.22 9.47
CA ILE C 62 -0.17 6.87 8.67
C ILE C 62 0.06 5.37 8.72
N VAL C 63 0.07 4.80 9.93
CA VAL C 63 0.24 3.36 10.08
C VAL C 63 -0.86 2.61 9.34
N GLN C 64 -2.11 3.01 9.55
CA GLN C 64 -3.21 2.28 8.93
C GLN C 64 -3.15 2.36 7.41
N THR C 65 -2.70 3.49 6.86
CA THR C 65 -2.60 3.60 5.41
C THR C 65 -1.50 2.72 4.86
N LEU C 66 -0.40 2.54 5.60
CA LEU C 66 0.64 1.62 5.14
C LEU C 66 0.12 0.18 5.16
N VAL C 67 -0.49 -0.23 6.27
CA VAL C 67 -1.05 -1.59 6.35
C VAL C 67 -1.99 -1.83 5.18
N ASN C 68 -2.75 -0.81 4.76
CA ASN C 68 -3.64 -0.99 3.62
C ASN C 68 -2.91 -1.54 2.40
N SER C 69 -1.80 -0.91 2.01
CA SER C 69 -1.12 -1.33 0.80
C SER C 69 -0.54 -2.75 0.88
N VAL C 70 -0.28 -3.27 2.08
CA VAL C 70 0.16 -4.66 2.21
C VAL C 70 -1.02 -5.63 2.28
N ASN C 71 -2.19 -5.17 2.75
CA ASN C 71 -3.37 -6.02 2.95
C ASN C 71 -4.61 -5.16 2.70
N SER C 72 -5.07 -5.17 1.45
CA SER C 72 -6.19 -4.32 1.06
C SER C 72 -7.46 -4.58 1.84
N LYS C 73 -7.53 -5.66 2.60
CA LYS C 73 -8.71 -5.90 3.44
C LYS C 73 -8.82 -4.93 4.62
N ILE C 74 -7.75 -4.21 4.91
CA ILE C 74 -7.75 -3.17 5.93
C ILE C 74 -8.01 -1.84 5.23
N PRO C 75 -9.00 -1.07 5.64
CA PRO C 75 -9.28 0.19 4.94
C PRO C 75 -8.21 1.25 5.17
N LYS C 76 -8.23 2.26 4.29
CA LYS C 76 -7.38 3.42 4.44
C LYS C 76 -7.99 4.36 5.47
N ALA C 77 -7.14 5.18 6.06
CA ALA C 77 -7.64 6.22 6.94
C ALA C 77 -8.72 7.04 6.22
N CYS C 78 -9.50 7.79 6.98
CA CYS C 78 -10.70 8.43 6.47
C CYS C 78 -10.53 9.94 6.50
N CYS C 79 -11.02 10.61 5.46
CA CYS C 79 -11.01 12.06 5.38
C CYS C 79 -12.14 12.61 6.25
N VAL C 80 -11.79 13.39 7.25
CA VAL C 80 -12.77 13.91 8.21
C VAL C 80 -12.35 15.32 8.62
N PRO C 81 -13.29 16.06 9.21
CA PRO C 81 -12.93 17.41 9.69
C PRO C 81 -11.94 17.35 10.84
N THR C 82 -10.96 18.26 10.81
CA THR C 82 -9.94 18.35 11.86
C THR C 82 -9.96 19.69 12.59
N GLU C 83 -10.72 20.67 12.12
CA GLU C 83 -10.95 21.95 12.81
C GLU C 83 -12.41 22.33 12.54
N LEU C 84 -13.15 22.70 13.58
CA LEU C 84 -14.52 23.16 13.43
C LEU C 84 -14.70 24.49 14.13
N SER C 85 -15.55 25.32 13.54
CA SER C 85 -15.79 26.66 14.02
C SER C 85 -17.28 26.79 14.29
N ALA C 86 -17.62 27.83 15.05
CA ALA C 86 -19.00 28.06 15.41
C ALA C 86 -19.67 29.01 14.43
N ILE C 87 -21.02 28.89 14.39
CA ILE C 87 -21.92 29.85 13.79
C ILE C 87 -22.87 30.33 14.88
N SER C 88 -23.52 31.47 14.62
CA SER C 88 -24.44 32.12 15.54
C SER C 88 -25.78 32.22 14.84
N MET C 89 -26.84 31.91 15.56
CA MET C 89 -28.20 32.04 15.09
C MET C 89 -28.94 33.02 15.99
N LEU C 90 -30.11 33.45 15.55
CA LEU C 90 -31.00 34.30 16.31
C LEU C 90 -32.35 33.63 16.45
N TYR C 91 -32.98 33.80 17.62
CA TYR C 91 -34.32 33.29 17.86
C TYR C 91 -35.09 34.26 18.72
N LEU C 92 -36.40 34.01 18.84
CA LEU C 92 -37.26 34.73 19.77
C LEU C 92 -37.38 34.02 21.12
N ASP C 93 -37.15 34.76 22.20
CA ASP C 93 -37.25 34.22 23.55
C ASP C 93 -38.69 34.40 24.06
N GLU C 94 -38.90 34.07 25.34
CA GLU C 94 -40.25 34.03 25.91
C GLU C 94 -40.95 35.39 25.88
N ASN C 95 -40.17 36.48 25.78
CA ASN C 95 -40.72 37.83 25.70
C ASN C 95 -40.78 38.36 24.27
N GLU C 96 -40.59 37.50 23.28
CA GLU C 96 -40.54 37.93 21.89
C GLU C 96 -39.49 39.01 21.68
N LYS C 97 -38.37 38.88 22.40
CA LYS C 97 -37.15 39.61 22.11
C LYS C 97 -36.21 38.70 21.33
N VAL C 98 -35.45 39.26 20.40
CA VAL C 98 -34.47 38.50 19.64
C VAL C 98 -33.23 38.29 20.50
N VAL C 99 -32.76 37.05 20.58
CA VAL C 99 -31.52 36.76 21.28
C VAL C 99 -30.64 35.89 20.40
N LEU C 100 -29.36 35.87 20.74
CA LEU C 100 -28.31 35.25 19.94
C LEU C 100 -27.79 34.02 20.65
N LYS C 101 -27.38 33.03 19.87
CA LYS C 101 -26.94 31.79 20.47
C LYS C 101 -25.88 31.20 19.56
N ASN C 102 -24.68 30.99 20.09
CA ASN C 102 -23.63 30.34 19.35
C ASN C 102 -23.77 28.84 19.45
N TYR C 103 -23.49 28.16 18.35
CA TYR C 103 -23.48 26.71 18.27
C TYR C 103 -22.07 26.29 17.87
N GLN C 104 -21.42 25.54 18.74
CA GLN C 104 -20.03 25.17 18.54
C GLN C 104 -19.92 24.04 17.53
N ASP C 105 -18.75 23.95 16.91
CA ASP C 105 -18.36 22.77 16.13
C ASP C 105 -19.30 22.52 14.96
N MET C 106 -19.61 23.59 14.22
CA MET C 106 -20.62 23.47 13.18
C MET C 106 -20.12 23.65 11.75
N VAL C 107 -18.97 24.30 11.55
CA VAL C 107 -18.45 24.58 10.21
C VAL C 107 -17.08 23.93 10.06
N VAL C 108 -16.87 23.23 8.96
CA VAL C 108 -15.57 22.66 8.67
C VAL C 108 -14.60 23.76 8.32
N GLU C 109 -13.53 23.88 9.10
CA GLU C 109 -12.44 24.78 8.76
C GLU C 109 -11.29 24.07 8.05
N GLY C 110 -11.06 22.78 8.33
CA GLY C 110 -10.06 22.03 7.59
C GLY C 110 -10.22 20.53 7.71
N CYS C 111 -9.79 19.82 6.68
CA CYS C 111 -9.86 18.37 6.63
C CYS C 111 -8.50 17.70 6.90
N GLY C 112 -8.50 16.37 6.89
CA GLY C 112 -7.41 15.55 7.44
C GLY C 112 -7.75 14.07 7.60
N CYS C 113 -6.74 13.22 7.68
CA CYS C 113 -6.93 11.78 7.71
C CYS C 113 -6.84 11.24 9.13
N ARG C 114 -7.77 10.34 9.50
CA ARG C 114 -7.75 9.79 10.86
C ARG C 114 -7.90 8.23 10.97
N LYS D 16 -23.67 -5.89 14.59
CA LYS D 16 -24.26 -4.86 13.73
C LYS D 16 -23.17 -4.22 12.83
N ALA D 17 -23.56 -3.79 11.60
CA ALA D 17 -22.67 -3.11 10.65
C ALA D 17 -22.31 -1.71 11.13
N ARG D 18 -22.72 -1.36 12.35
CA ARG D 18 -22.40 -0.06 12.91
C ARG D 18 -20.93 0.08 13.29
N CYS D 19 -20.48 1.33 13.18
CA CYS D 19 -19.22 1.86 13.67
C CYS D 19 -18.72 1.24 14.96
N SER D 20 -17.62 0.51 14.89
CA SER D 20 -17.09 -0.19 16.03
C SER D 20 -15.57 -0.30 15.90
N ARG D 21 -14.94 -0.78 16.94
CA ARG D 21 -13.50 -1.02 16.89
C ARG D 21 -13.18 -2.45 16.47
N LYS D 22 -12.16 -2.59 15.62
CA LYS D 22 -11.76 -3.89 15.12
C LYS D 22 -10.25 -4.05 15.22
N ALA D 23 -9.81 -5.29 15.07
CA ALA D 23 -8.43 -5.63 15.28
C ALA D 23 -7.58 -5.15 14.11
N LEU D 24 -6.32 -4.84 14.40
CA LEU D 24 -5.40 -4.40 13.37
C LEU D 24 -4.01 -4.68 13.93
N HIS D 25 -3.46 -5.85 13.56
CA HIS D 25 -2.13 -6.28 13.96
C HIS D 25 -1.06 -5.65 13.05
N VAL D 26 -0.18 -4.86 13.63
CA VAL D 26 0.79 -4.12 12.83
C VAL D 26 2.12 -4.83 12.94
N ASN D 27 2.68 -5.22 11.80
CA ASN D 27 3.95 -5.94 11.76
C ASN D 27 4.97 -5.06 11.06
N PHE D 28 5.88 -4.49 11.83
CA PHE D 28 6.93 -3.66 11.25
C PHE D 28 7.88 -4.45 10.36
N LYS D 29 7.99 -5.77 10.53
CA LYS D 29 8.83 -6.55 9.63
C LYS D 29 8.23 -6.66 8.22
N ASP D 30 6.90 -6.70 8.11
CA ASP D 30 6.24 -6.69 6.80
C ASP D 30 6.54 -5.40 6.03
N MET D 31 6.92 -4.33 6.71
CA MET D 31 7.28 -3.09 6.06
C MET D 31 8.78 -2.82 6.02
N GLY D 32 9.62 -3.72 6.53
CA GLY D 32 11.04 -3.57 6.39
C GLY D 32 11.76 -2.81 7.49
N TRP D 33 11.04 -2.37 8.54
CA TRP D 33 11.64 -1.53 9.57
C TRP D 33 12.42 -2.30 10.62
N ASP D 34 12.53 -3.64 10.51
CA ASP D 34 13.50 -4.44 11.26
C ASP D 34 14.88 -3.82 11.43
N ASP D 35 15.31 -3.08 10.40
CA ASP D 35 16.67 -2.55 10.40
C ASP D 35 16.80 -1.38 11.38
N TRP D 36 15.78 -0.52 11.44
CA TRP D 36 15.72 0.52 12.47
C TRP D 36 15.19 -0.03 13.81
N ILE D 37 14.06 -0.69 13.81
CA ILE D 37 13.34 -0.88 15.06
C ILE D 37 13.85 -2.10 15.80
N ILE D 38 14.05 -1.92 17.10
CA ILE D 38 14.48 -3.03 17.96
C ILE D 38 13.29 -3.74 18.57
N ALA D 39 12.39 -2.97 19.18
CA ALA D 39 11.22 -3.51 19.85
C ALA D 39 10.22 -2.40 20.08
N PRO D 40 8.93 -2.69 20.03
CA PRO D 40 8.34 -3.97 19.61
C PRO D 40 8.27 -4.01 18.08
N LEU D 41 8.39 -5.17 17.47
CA LEU D 41 8.31 -5.26 16.02
C LEU D 41 6.89 -5.53 15.54
N GLU D 42 5.96 -5.76 16.47
CA GLU D 42 4.56 -6.01 16.18
C GLU D 42 3.78 -5.38 17.32
N TYR D 43 2.67 -4.73 17.02
CA TYR D 43 1.78 -4.29 18.08
C TYR D 43 0.36 -4.26 17.54
N GLU D 44 -0.61 -4.21 18.46
CA GLU D 44 -2.03 -4.17 18.12
C GLU D 44 -2.48 -2.71 18.18
N ALA D 45 -2.79 -2.14 17.02
CA ALA D 45 -3.24 -0.78 16.90
C ALA D 45 -4.75 -0.63 16.79
N PHE D 46 -5.45 -1.65 16.35
CA PHE D 46 -6.86 -1.60 16.02
C PHE D 46 -7.19 -0.59 14.94
N HIS D 47 -8.45 -0.55 14.57
CA HIS D 47 -8.94 0.38 13.58
C HIS D 47 -10.46 0.48 13.71
N CYS D 48 -11.03 1.46 13.00
CA CYS D 48 -12.43 1.80 13.11
C CYS D 48 -13.12 1.54 11.78
N GLU D 49 -14.25 0.84 11.83
CA GLU D 49 -15.01 0.60 10.63
C GLU D 49 -16.47 0.38 10.97
N GLY D 50 -17.35 1.02 10.21
CA GLY D 50 -18.78 0.79 10.33
C GLY D 50 -19.57 1.94 9.79
N LEU D 51 -20.89 1.75 9.76
CA LEU D 51 -21.82 2.77 9.29
C LEU D 51 -22.14 3.77 10.38
N CYS D 52 -22.23 5.02 9.98
CA CYS D 52 -22.59 6.13 10.85
C CYS D 52 -23.93 6.67 10.35
N GLU D 53 -25.01 6.14 10.90
CA GLU D 53 -26.34 6.54 10.50
C GLU D 53 -27.23 6.63 11.74
N PHE D 54 -28.41 7.20 11.55
CA PHE D 54 -29.34 7.36 12.65
C PHE D 54 -29.95 6.03 13.05
N PRO D 55 -30.02 5.70 14.34
CA PRO D 55 -29.65 6.55 15.47
C PRO D 55 -28.18 6.61 15.79
N LEU D 56 -27.70 7.77 16.19
CA LEU D 56 -26.31 7.93 16.53
C LEU D 56 -26.17 7.65 18.02
N ARG D 57 -25.54 6.53 18.34
CA ARG D 57 -25.38 6.12 19.72
C ARG D 57 -24.53 7.14 20.49
N SER D 58 -24.91 7.38 21.75
CA SER D 58 -24.22 8.33 22.60
C SER D 58 -22.72 8.11 22.65
N HIS D 59 -22.30 6.83 22.59
CA HIS D 59 -20.90 6.39 22.68
C HIS D 59 -20.08 6.65 21.40
N LEU D 60 -20.72 7.04 20.30
CA LEU D 60 -20.02 7.56 19.13
C LEU D 60 -19.70 9.06 19.28
N GLU D 61 -20.00 9.64 20.46
CA GLU D 61 -19.90 11.05 20.82
C GLU D 61 -19.81 12.00 19.63
N PRO D 62 -20.84 12.05 18.79
CA PRO D 62 -20.74 12.83 17.55
C PRO D 62 -20.66 14.33 17.74
N THR D 63 -19.87 14.97 16.88
CA THR D 63 -19.79 16.42 16.83
C THR D 63 -21.08 16.99 16.26
N ASN D 64 -21.37 18.23 16.61
CA ASN D 64 -22.52 18.90 16.03
C ASN D 64 -22.47 18.85 14.50
N HIS D 65 -21.29 19.01 13.91
CA HIS D 65 -21.20 18.96 12.46
C HIS D 65 -21.60 17.59 11.93
N ALA D 66 -21.20 16.54 12.62
CA ALA D 66 -21.49 15.19 12.13
C ALA D 66 -22.97 14.86 12.22
N VAL D 67 -23.66 15.39 13.23
CA VAL D 67 -25.10 15.22 13.26
C VAL D 67 -25.74 15.89 12.05
N ILE D 68 -25.33 17.14 11.78
CA ILE D 68 -25.89 17.85 10.63
C ILE D 68 -25.59 17.12 9.35
N GLN D 69 -24.35 16.69 9.17
CA GLN D 69 -23.99 15.97 7.94
C GLN D 69 -24.79 14.70 7.81
N THR D 70 -24.98 13.99 8.92
CA THR D 70 -25.79 12.78 8.89
C THR D 70 -27.22 13.08 8.47
N LEU D 71 -27.75 14.22 8.96
CA LEU D 71 -29.07 14.65 8.59
C LEU D 71 -29.15 14.95 7.10
N MET D 72 -28.18 15.71 6.59
CA MET D 72 -28.23 16.08 5.18
C MET D 72 -28.09 14.86 4.28
N ASN D 73 -27.29 13.89 4.71
CA ASN D 73 -27.18 12.65 3.96
C ASN D 73 -28.49 11.89 3.96
N SER D 74 -29.19 11.87 5.09
CA SER D 74 -30.47 11.19 5.17
C SER D 74 -31.51 11.81 4.23
N MET D 75 -31.50 13.14 4.09
CA MET D 75 -32.46 13.81 3.22
C MET D 75 -32.21 13.51 1.74
N ASP D 76 -30.97 13.77 1.23
CA ASP D 76 -30.60 13.31 -0.11
C ASP D 76 -29.16 12.80 -0.13
N PRO D 77 -28.99 11.49 -0.25
CA PRO D 77 -27.64 10.91 -0.11
C PRO D 77 -26.68 11.29 -1.21
N GLU D 78 -27.16 11.55 -2.42
CA GLU D 78 -26.23 12.05 -3.42
C GLU D 78 -25.91 13.52 -3.10
N SER D 79 -24.76 13.97 -3.60
CA SER D 79 -24.26 15.32 -3.33
C SER D 79 -23.71 15.47 -1.92
N THR D 80 -24.22 14.64 -0.96
CA THR D 80 -23.81 14.71 0.44
C THR D 80 -23.56 13.36 1.10
N PRO D 81 -22.32 13.01 1.35
CA PRO D 81 -22.01 11.65 1.79
C PRO D 81 -22.05 11.55 3.30
N PRO D 82 -22.05 10.34 3.83
CA PRO D 82 -22.16 10.17 5.28
C PRO D 82 -20.83 10.38 5.95
N THR D 83 -20.88 10.41 7.27
CA THR D 83 -19.70 10.67 8.08
C THR D 83 -18.87 9.40 8.21
N CYS D 84 -17.62 9.56 8.62
CA CYS D 84 -16.72 8.42 8.67
C CYS D 84 -16.58 7.90 10.10
N CYS D 85 -16.36 6.59 10.20
CA CYS D 85 -16.05 5.93 11.46
C CYS D 85 -14.55 6.01 11.65
N VAL D 86 -14.11 6.83 12.60
CA VAL D 86 -12.71 7.09 12.80
C VAL D 86 -12.39 7.08 14.29
N PRO D 87 -11.13 7.00 14.66
CA PRO D 87 -10.77 6.97 16.08
C PRO D 87 -11.01 8.31 16.75
N THR D 88 -11.53 8.27 17.98
CA THR D 88 -11.78 9.47 18.75
C THR D 88 -11.04 9.53 20.08
N ARG D 89 -10.54 8.41 20.58
CA ARG D 89 -9.52 8.39 21.61
C ARG D 89 -8.39 7.50 21.11
N LEU D 90 -7.14 7.95 21.29
CA LEU D 90 -5.98 7.10 21.03
C LEU D 90 -5.02 7.08 22.22
N SER D 91 -4.15 6.10 22.18
CA SER D 91 -3.12 5.80 23.15
C SER D 91 -1.77 5.73 22.46
N PRO D 92 -0.68 5.89 23.21
CA PRO D 92 0.65 5.78 22.63
C PRO D 92 1.30 4.44 22.93
N ILE D 93 2.35 4.14 22.15
CA ILE D 93 3.28 3.10 22.51
C ILE D 93 4.66 3.74 22.47
N SER D 94 5.57 3.13 23.24
CA SER D 94 6.97 3.53 23.24
C SER D 94 7.74 2.56 22.34
N ILE D 95 8.63 3.09 21.52
CA ILE D 95 9.39 2.30 20.57
C ILE D 95 10.87 2.49 20.83
N LEU D 96 11.61 1.39 20.73
CA LEU D 96 13.05 1.35 20.92
C LEU D 96 13.69 1.07 19.57
N PHE D 97 14.48 2.01 19.07
CA PHE D 97 15.03 1.84 17.72
C PHE D 97 16.37 2.56 17.62
N ILE D 98 17.00 2.40 16.45
CA ILE D 98 18.32 2.96 16.15
C ILE D 98 18.18 4.20 15.28
N ASP D 99 18.59 5.35 15.83
CA ASP D 99 18.81 6.62 15.13
C ASP D 99 19.46 6.55 13.75
N SER D 100 19.12 7.51 12.92
CA SER D 100 19.93 7.89 11.77
C SER D 100 21.43 8.00 12.11
N ALA D 101 21.77 8.46 13.34
CA ALA D 101 23.15 8.59 13.81
C ALA D 101 23.73 7.30 14.39
N ASN D 102 22.97 6.23 14.46
CA ASN D 102 23.38 4.97 15.04
C ASN D 102 23.28 4.96 16.58
N ASN D 103 22.56 5.94 17.14
CA ASN D 103 22.22 5.97 18.55
C ASN D 103 21.02 5.05 18.81
N VAL D 104 20.90 4.57 20.05
CA VAL D 104 19.71 3.86 20.52
C VAL D 104 18.79 4.82 21.25
N VAL D 105 17.53 4.89 20.83
CA VAL D 105 16.59 5.81 21.43
C VAL D 105 15.33 5.07 21.83
N TYR D 106 14.62 5.66 22.81
CA TYR D 106 13.35 5.17 23.35
C TYR D 106 12.36 6.35 23.32
N LYS D 107 11.71 6.59 22.19
CA LYS D 107 10.77 7.71 22.10
C LYS D 107 9.33 7.20 22.19
N GLN D 108 8.47 7.98 22.87
CA GLN D 108 7.04 7.69 22.92
C GLN D 108 6.33 8.32 21.71
N TYR D 109 5.54 7.51 20.99
CA TYR D 109 4.78 7.98 19.83
C TYR D 109 3.30 8.04 20.20
N GLU D 110 2.70 9.21 20.02
CA GLU D 110 1.29 9.41 20.31
C GLU D 110 0.41 8.87 19.19
N ASP D 111 -0.84 8.59 19.56
CA ASP D 111 -1.91 8.27 18.61
C ASP D 111 -1.59 7.02 17.79
N MET D 112 -1.25 5.94 18.48
CA MET D 112 -0.87 4.70 17.82
C MET D 112 -1.85 3.58 18.07
N VAL D 113 -2.62 3.66 19.14
CA VAL D 113 -3.61 2.65 19.47
C VAL D 113 -4.97 3.32 19.59
N VAL D 114 -5.97 2.81 18.88
CA VAL D 114 -7.29 3.39 19.05
C VAL D 114 -7.88 2.83 20.34
N GLU D 115 -8.41 3.72 21.17
CA GLU D 115 -9.17 3.31 22.34
C GLU D 115 -10.67 3.37 22.13
N SER D 116 -11.17 4.32 21.34
CA SER D 116 -12.61 4.42 21.07
C SER D 116 -12.84 5.00 19.68
N CYS D 117 -13.97 4.63 19.10
CA CYS D 117 -14.35 5.02 17.75
C CYS D 117 -15.56 5.95 17.78
N GLY D 118 -15.77 6.62 16.67
CA GLY D 118 -16.88 7.57 16.60
C GLY D 118 -17.13 8.04 15.18
N CYS D 119 -18.11 8.93 15.07
CA CYS D 119 -18.51 9.51 13.80
C CYS D 119 -18.02 10.94 13.74
N ARG D 120 -17.38 11.29 12.64
CA ARG D 120 -16.87 12.64 12.47
C ARG D 120 -17.09 13.18 11.06
#